data_4YZT
#
_entry.id   4YZT
#
_cell.length_a   91.299
_cell.length_b   91.299
_cell.length_c   124.670
_cell.angle_alpha   90.000
_cell.angle_beta   90.000
_cell.angle_gamma   90.000
#
_symmetry.space_group_name_H-M   'P 43 21 2'
#
loop_
_entity.id
_entity.type
_entity.pdbx_description
1 polymer 'Cellulose hydrolase'
2 branched beta-D-glucopyranose-(1-4)-beta-D-glucopyranose-(1-4)-beta-D-glucopyranose-(1-4)-beta-D-glucopyranose
3 non-polymer 1,2-ETHANEDIOL
4 water water
#
_entity_poly.entity_id   1
_entity_poly.type   'polypeptide(L)'
_entity_poly.pdbx_seq_one_letter_code
;GAMVPKASGTSGPAKQEKQSIITPADLLENMSPGWNLGNTLDAVPTEGSWNNPPVREHTFDDIRDAGFKSVRIPVTWDSH
IGSAPEYPIDTDWMNRVEEVTDWALEREFYVVLNIHHDSWLWISRMGNSQQETLDKLGKVWKQIAERFKNKSERLLFEIV
NEPTGMSAYQMNLLNREMLNIIRSTGGKNGQRLVIVGGLEDNKDELLHSFEPPDDDRIVLTYHYYSPWDYVSNWWGRTTW
GSAAEISEMEEDIKPVYEKFVREGYPVIIGEYGTLGANEKHSKWLYHDTFVRLAHKYQMVPMWWDNGNDQFDRAERQWRD
PVVKEIVIQAGRGVPNAIIKPADLFIKKGQSISDQTVDIQLNGNVLTGIYQKSEPLKEGSDYTVDNAGKTVSIKASCLAK
LLNGAGQPGVKAQLTFTFHKGASQVMDIILYDDPKLEKSEFTISQSAISGDLKIPASLNGTKLATVKGVVDSTGRPVLEE
VWSWTPYLNYDEDFYEKDGDLYLKERVLKYLKSDSTFTFELWPKGVEAVVKVKITP
;
_entity_poly.pdbx_strand_id   A
#
# COMPACT_ATOMS: atom_id res chain seq x y z
N ILE A 22 13.84 18.32 18.77
CA ILE A 22 12.59 17.92 18.12
C ILE A 22 11.98 16.69 18.79
N THR A 23 10.78 16.88 19.33
CA THR A 23 10.06 15.80 19.99
C THR A 23 9.35 14.90 18.99
N PRO A 24 8.98 13.69 19.44
CA PRO A 24 8.12 12.86 18.60
C PRO A 24 6.86 13.60 18.18
N ALA A 25 6.33 14.46 19.06
CA ALA A 25 5.09 15.16 18.73
C ALA A 25 5.32 16.22 17.65
N ASP A 26 6.47 16.89 17.73
CA ASP A 26 6.85 17.87 16.72
C ASP A 26 6.95 17.22 15.33
N LEU A 27 7.57 16.04 15.25
CA LEU A 27 7.72 15.37 13.97
C LEU A 27 6.36 14.96 13.40
N LEU A 28 5.47 14.47 14.27
CA LEU A 28 4.12 14.08 13.85
C LEU A 28 3.40 15.30 13.29
N GLU A 29 3.45 16.41 14.02
CA GLU A 29 2.78 17.65 13.59
C GLU A 29 3.30 18.15 12.25
N ASN A 30 4.60 18.01 12.03
CA ASN A 30 5.20 18.51 10.80
C ASN A 30 5.10 17.58 9.60
N MET A 31 5.08 16.26 9.82
CA MET A 31 5.20 15.30 8.71
C MET A 31 3.95 14.44 8.38
N SER A 32 3.04 14.25 9.32
CA SER A 32 1.92 13.33 9.09
C SER A 32 0.78 14.02 8.34
N PRO A 33 0.24 13.39 7.29
CA PRO A 33 0.59 12.11 6.65
C PRO A 33 1.61 12.23 5.53
N GLY A 34 2.32 11.13 5.26
CA GLY A 34 3.32 11.12 4.21
C GLY A 34 2.94 10.24 3.04
N TRP A 35 3.68 10.37 1.94
CA TRP A 35 3.42 9.58 0.72
C TRP A 35 4.73 9.22 0.02
N ASN A 36 4.84 7.99 -0.47
CA ASN A 36 6.04 7.52 -1.17
C ASN A 36 5.96 7.69 -2.68
N LEU A 37 7.05 8.19 -3.28
CA LEU A 37 7.18 8.20 -4.74
C LEU A 37 7.76 6.85 -5.17
N GLY A 38 6.94 5.80 -5.08
CA GLY A 38 7.44 4.45 -5.30
C GLY A 38 7.73 4.11 -6.74
N ASN A 39 8.60 3.11 -6.95
CA ASN A 39 8.89 2.57 -8.28
C ASN A 39 9.30 3.63 -9.30
N THR A 40 10.13 4.59 -8.86
CA THR A 40 10.49 5.74 -9.67
C THR A 40 12.02 5.88 -9.66
N LEU A 41 12.60 6.70 -8.77
CA LEU A 41 14.07 6.74 -8.73
C LEU A 41 14.64 5.47 -8.10
N ASP A 42 13.78 4.64 -7.50
CA ASP A 42 14.20 3.36 -6.93
C ASP A 42 14.13 2.21 -7.95
N ALA A 43 13.62 2.49 -9.15
CA ALA A 43 13.53 1.43 -10.15
C ALA A 43 14.90 1.00 -10.67
N VAL A 44 14.92 -0.16 -11.30
CA VAL A 44 16.15 -0.88 -11.66
C VAL A 44 16.13 -1.28 -13.12
N PRO A 45 17.15 -0.87 -13.90
CA PRO A 45 18.39 -0.19 -13.46
C PRO A 45 18.29 1.32 -13.23
N THR A 46 17.24 1.96 -13.72
CA THR A 46 17.17 3.41 -13.59
C THR A 46 15.73 3.93 -13.52
N GLU A 47 15.60 5.22 -13.29
CA GLU A 47 14.30 5.86 -13.23
C GLU A 47 13.58 5.65 -14.54
N GLY A 48 12.37 5.11 -14.46
CA GLY A 48 11.55 4.86 -15.63
C GLY A 48 11.65 3.43 -16.11
N SER A 49 12.48 2.62 -15.46
CA SER A 49 12.67 1.23 -15.89
C SER A 49 11.47 0.34 -15.55
N TRP A 50 10.71 0.75 -14.54
CA TRP A 50 9.54 -0.02 -14.13
C TRP A 50 8.24 0.64 -14.65
N ASN A 51 7.19 0.65 -13.83
CA ASN A 51 5.85 1.01 -14.32
C ASN A 51 5.54 2.51 -14.38
N ASN A 52 6.38 3.34 -13.76
CA ASN A 52 6.23 4.79 -13.85
C ASN A 52 7.27 5.41 -14.76
N PRO A 53 6.90 6.45 -15.52
CA PRO A 53 7.90 7.24 -16.26
C PRO A 53 8.68 8.12 -15.29
N PRO A 54 9.76 8.77 -15.76
CA PRO A 54 10.42 9.73 -14.86
C PRO A 54 9.41 10.78 -14.36
N VAL A 55 9.49 11.09 -13.07
CA VAL A 55 8.45 11.89 -12.43
C VAL A 55 8.41 13.29 -13.03
N ARG A 56 7.19 13.77 -13.28
CA ARG A 56 6.99 15.13 -13.74
C ARG A 56 6.90 16.06 -12.53
N GLU A 57 7.38 17.28 -12.68
CA GLU A 57 7.33 18.25 -11.58
C GLU A 57 5.90 18.39 -11.02
N HIS A 58 4.89 18.36 -11.90
CA HIS A 58 3.54 18.67 -11.46
C HIS A 58 2.95 17.57 -10.58
N THR A 59 3.58 16.40 -10.56
CA THR A 59 3.13 15.35 -9.67
C THR A 59 3.27 15.81 -8.21
N PHE A 60 4.31 16.59 -7.91
CA PHE A 60 4.48 17.08 -6.55
C PHE A 60 3.43 18.14 -6.19
N ASP A 61 3.00 18.90 -7.19
CA ASP A 61 1.89 19.82 -6.98
C ASP A 61 0.60 19.05 -6.68
N ASP A 62 0.44 17.90 -7.34
CA ASP A 62 -0.73 17.07 -7.16
C ASP A 62 -0.75 16.46 -5.75
N ILE A 63 0.42 16.08 -5.25
CA ILE A 63 0.49 15.49 -3.92
C ILE A 63 0.27 16.58 -2.87
N ARG A 64 0.75 17.78 -3.17
CA ARG A 64 0.45 18.92 -2.30
C ARG A 64 -1.05 19.19 -2.27
N ASP A 65 -1.69 19.18 -3.43
CA ASP A 65 -3.13 19.46 -3.50
C ASP A 65 -3.92 18.50 -2.61
N ALA A 66 -3.43 17.27 -2.51
CA ALA A 66 -4.08 16.22 -1.73
C ALA A 66 -4.01 16.47 -0.23
N GLY A 67 -2.95 17.13 0.21
CA GLY A 67 -2.80 17.47 1.62
C GLY A 67 -1.75 16.66 2.38
N PHE A 68 -0.87 15.96 1.67
CA PHE A 68 0.23 15.28 2.37
C PHE A 68 1.23 16.33 2.86
N LYS A 69 1.79 16.10 4.04
CA LYS A 69 2.78 17.03 4.59
C LYS A 69 4.22 16.60 4.28
N SER A 70 4.41 15.33 3.97
CA SER A 70 5.77 14.84 3.71
C SER A 70 5.79 13.84 2.56
N VAL A 71 6.93 13.72 1.90
CA VAL A 71 7.12 12.73 0.86
C VAL A 71 8.42 11.96 1.11
N ARG A 72 8.38 10.68 0.80
CA ARG A 72 9.58 9.85 0.80
C ARG A 72 9.99 9.57 -0.63
N ILE A 73 11.26 9.81 -0.93
CA ILE A 73 11.78 9.62 -2.28
C ILE A 73 12.80 8.50 -2.26
N PRO A 74 12.34 7.26 -2.49
CA PRO A 74 13.31 6.15 -2.54
C PRO A 74 14.19 6.27 -3.76
N VAL A 75 15.49 6.02 -3.57
CA VAL A 75 16.45 6.09 -4.66
C VAL A 75 17.36 4.87 -4.65
N THR A 76 17.42 4.18 -5.79
CA THR A 76 18.34 3.07 -5.95
C THR A 76 19.54 3.59 -6.71
N TRP A 77 20.71 3.57 -6.06
CA TRP A 77 21.90 4.20 -6.61
C TRP A 77 22.73 3.26 -7.50
N ASP A 78 22.56 1.96 -7.28
CA ASP A 78 23.33 0.87 -7.90
C ASP A 78 23.96 1.12 -9.28
N SER A 79 23.15 1.23 -10.32
CA SER A 79 23.69 1.29 -11.68
CA SER A 79 23.67 1.29 -11.68
C SER A 79 24.40 2.61 -11.95
N HIS A 80 24.25 3.57 -11.04
CA HIS A 80 24.84 4.88 -11.21
C HIS A 80 26.12 5.07 -10.39
N ILE A 81 26.56 4.03 -9.69
CA ILE A 81 27.79 4.07 -8.92
C ILE A 81 28.97 3.58 -9.73
N GLY A 82 30.04 4.37 -9.81
CA GLY A 82 31.22 4.02 -10.58
C GLY A 82 32.11 2.98 -9.91
N SER A 83 33.33 2.82 -10.42
CA SER A 83 34.24 1.77 -9.96
C SER A 83 34.97 2.12 -8.69
N ALA A 84 35.45 1.08 -8.00
CA ALA A 84 36.44 1.21 -6.94
C ALA A 84 37.68 1.91 -7.50
N PRO A 85 38.44 2.60 -6.64
CA PRO A 85 38.27 2.73 -5.19
C PRO A 85 37.35 3.86 -4.73
N GLU A 86 37.02 4.83 -5.58
CA GLU A 86 36.26 6.00 -5.11
C GLU A 86 34.75 5.88 -5.31
N TYR A 87 34.31 4.93 -6.14
CA TYR A 87 32.89 4.71 -6.41
C TYR A 87 32.13 6.01 -6.75
N PRO A 88 32.66 6.80 -7.71
CA PRO A 88 32.01 8.08 -8.00
C PRO A 88 30.59 7.88 -8.52
N ILE A 89 29.64 8.62 -7.96
CA ILE A 89 28.27 8.56 -8.44
C ILE A 89 28.18 9.40 -9.72
N ASP A 90 27.56 8.83 -10.74
CA ASP A 90 27.31 9.50 -12.01
C ASP A 90 26.74 10.90 -11.83
N THR A 91 27.37 11.90 -12.46
CA THR A 91 27.00 13.30 -12.27
C THR A 91 25.58 13.60 -12.71
N ASP A 92 25.17 13.04 -13.84
CA ASP A 92 23.82 13.30 -14.33
C ASP A 92 22.76 12.70 -13.39
N TRP A 93 23.08 11.56 -12.78
CA TRP A 93 22.15 10.94 -11.84
C TRP A 93 22.05 11.79 -10.58
N MET A 94 23.19 12.21 -10.04
CA MET A 94 23.15 13.05 -8.85
C MET A 94 22.40 14.34 -9.14
N ASN A 95 22.62 14.91 -10.32
CA ASN A 95 21.88 16.12 -10.70
C ASN A 95 20.38 15.86 -10.74
N ARG A 96 19.99 14.68 -11.24
CA ARG A 96 18.57 14.37 -11.35
C ARG A 96 17.95 14.15 -9.96
N VAL A 97 18.66 13.44 -9.08
CA VAL A 97 18.14 13.22 -7.73
C VAL A 97 17.97 14.57 -7.03
N GLU A 98 18.92 15.48 -7.22
CA GLU A 98 18.82 16.82 -6.62
C GLU A 98 17.63 17.59 -7.20
N GLU A 99 17.45 17.50 -8.52
CA GLU A 99 16.30 18.16 -9.17
C GLU A 99 14.98 17.70 -8.57
N VAL A 100 14.80 16.39 -8.44
CA VAL A 100 13.55 15.86 -7.91
C VAL A 100 13.42 16.21 -6.42
N THR A 101 14.52 16.12 -5.68
CA THR A 101 14.47 16.45 -4.26
C THR A 101 14.10 17.93 -4.07
N ASP A 102 14.67 18.80 -4.90
CA ASP A 102 14.39 20.24 -4.81
C ASP A 102 12.92 20.55 -5.11
N TRP A 103 12.37 19.89 -6.13
CA TRP A 103 10.95 20.04 -6.45
C TRP A 103 10.06 19.79 -5.23
N ALA A 104 10.37 18.74 -4.47
CA ALA A 104 9.59 18.41 -3.30
C ALA A 104 9.82 19.48 -2.22
N LEU A 105 11.08 19.82 -1.99
CA LEU A 105 11.39 20.78 -0.93
C LEU A 105 10.77 22.15 -1.21
N GLU A 106 10.73 22.54 -2.47
CA GLU A 106 10.20 23.87 -2.78
CA GLU A 106 10.20 23.86 -2.81
C GLU A 106 8.68 23.91 -2.62
N ARG A 107 8.05 22.76 -2.45
CA ARG A 107 6.62 22.70 -2.16
C ARG A 107 6.39 22.58 -0.65
N GLU A 108 7.45 22.87 0.10
CA GLU A 108 7.44 22.90 1.56
C GLU A 108 7.18 21.55 2.23
N PHE A 109 7.26 20.46 1.46
CA PHE A 109 7.24 19.12 2.05
C PHE A 109 8.41 18.89 3.00
N TYR A 110 8.19 18.07 4.02
CA TYR A 110 9.32 17.41 4.65
C TYR A 110 9.64 16.23 3.75
N VAL A 111 10.92 15.99 3.51
CA VAL A 111 11.32 15.07 2.46
C VAL A 111 12.30 14.02 3.01
N VAL A 112 12.04 12.73 2.73
CA VAL A 112 12.95 11.66 3.12
C VAL A 112 13.70 11.15 1.90
N LEU A 113 15.03 11.29 1.92
CA LEU A 113 15.86 10.78 0.83
C LEU A 113 16.63 9.56 1.34
N ASN A 114 16.64 8.47 0.56
CA ASN A 114 17.31 7.26 1.08
C ASN A 114 18.23 6.58 0.10
N ILE A 115 18.74 5.41 0.52
CA ILE A 115 19.33 4.41 -0.35
C ILE A 115 18.36 3.22 -0.32
N HIS A 116 17.85 2.80 -1.49
CA HIS A 116 16.74 1.86 -1.50
C HIS A 116 17.14 0.43 -1.91
N HIS A 117 16.94 0.07 -3.18
CA HIS A 117 17.11 -1.35 -3.55
C HIS A 117 18.57 -1.79 -3.65
N ASP A 118 19.50 -0.85 -3.48
CA ASP A 118 20.88 -1.20 -3.19
C ASP A 118 20.98 -2.24 -2.06
N SER A 119 20.01 -2.20 -1.15
CA SER A 119 19.99 -3.11 0.01
C SER A 119 20.20 -4.57 -0.41
N TRP A 120 19.49 -5.03 -1.45
CA TRP A 120 19.64 -6.41 -1.89
C TRP A 120 20.46 -6.52 -3.17
N LEU A 121 20.58 -5.42 -3.93
CA LEU A 121 21.42 -5.46 -5.11
C LEU A 121 22.92 -5.67 -4.76
N TRP A 122 23.40 -5.00 -3.71
CA TRP A 122 24.80 -5.20 -3.33
C TRP A 122 25.14 -5.06 -1.83
N ILE A 123 24.33 -4.31 -1.07
CA ILE A 123 24.67 -4.09 0.34
C ILE A 123 24.58 -5.40 1.15
N SER A 124 23.76 -6.35 0.71
CA SER A 124 23.60 -7.61 1.45
C SER A 124 24.84 -8.52 1.33
N ARG A 125 25.84 -8.07 0.57
CA ARG A 125 27.15 -8.71 0.56
C ARG A 125 27.93 -8.43 1.86
N MET A 126 27.37 -7.57 2.73
CA MET A 126 27.97 -7.25 4.03
C MET A 126 28.39 -8.48 4.84
N GLY A 127 27.53 -9.49 4.88
CA GLY A 127 27.84 -10.67 5.68
C GLY A 127 29.11 -11.37 5.25
N ASN A 128 29.24 -11.58 3.93
CA ASN A 128 30.35 -12.31 3.33
C ASN A 128 31.59 -11.44 3.08
N SER A 129 31.37 -10.15 2.87
CA SER A 129 32.45 -9.26 2.47
C SER A 129 32.31 -7.88 3.11
N GLN A 130 32.35 -7.85 4.44
CA GLN A 130 32.07 -6.60 5.14
C GLN A 130 33.05 -5.49 4.80
N GLN A 131 34.33 -5.79 4.86
CA GLN A 131 35.31 -4.72 4.75
C GLN A 131 35.17 -3.99 3.39
N GLU A 132 34.95 -4.71 2.29
CA GLU A 132 34.73 -4.08 0.99
C GLU A 132 33.39 -3.35 0.86
N THR A 133 32.33 -3.99 1.36
CA THR A 133 30.98 -3.47 1.18
C THR A 133 30.76 -2.19 2.01
N LEU A 134 31.21 -2.23 3.25
CA LEU A 134 31.04 -1.10 4.16
C LEU A 134 31.89 0.08 3.69
N ASP A 135 33.10 -0.19 3.18
CA ASP A 135 33.94 0.84 2.60
C ASP A 135 33.22 1.52 1.45
N LYS A 136 32.65 0.72 0.55
CA LYS A 136 31.88 1.23 -0.57
C LYS A 136 30.64 2.05 -0.14
N LEU A 137 29.87 1.54 0.82
CA LEU A 137 28.69 2.25 1.29
C LEU A 137 29.06 3.60 1.92
N GLY A 138 30.13 3.61 2.72
CA GLY A 138 30.65 4.85 3.28
C GLY A 138 30.98 5.88 2.20
N LYS A 139 31.61 5.44 1.13
CA LYS A 139 32.00 6.39 0.08
C LYS A 139 30.77 6.89 -0.67
N VAL A 140 29.75 6.05 -0.80
CA VAL A 140 28.48 6.45 -1.40
C VAL A 140 27.77 7.48 -0.50
N TRP A 141 27.68 7.19 0.81
CA TRP A 141 26.96 8.10 1.70
C TRP A 141 27.71 9.43 1.86
N LYS A 142 29.04 9.41 1.85
CA LYS A 142 29.76 10.68 1.96
C LYS A 142 29.41 11.55 0.75
N GLN A 143 29.30 10.94 -0.43
CA GLN A 143 28.94 11.71 -1.63
C GLN A 143 27.52 12.31 -1.55
N ILE A 144 26.56 11.50 -1.09
CA ILE A 144 25.19 11.98 -0.94
C ILE A 144 25.15 13.08 0.12
N ALA A 145 25.79 12.86 1.26
CA ALA A 145 25.77 13.85 2.34
C ALA A 145 26.33 15.19 1.91
N GLU A 146 27.42 15.16 1.14
CA GLU A 146 28.08 16.38 0.70
C GLU A 146 27.20 17.17 -0.28
N ARG A 147 26.60 16.48 -1.24
CA ARG A 147 25.73 17.15 -2.23
C ARG A 147 24.55 17.86 -1.55
N PHE A 148 23.96 17.20 -0.56
CA PHE A 148 22.73 17.71 0.06
C PHE A 148 22.97 18.39 1.40
N LYS A 149 24.24 18.66 1.71
CA LYS A 149 24.65 19.23 2.99
C LYS A 149 23.93 20.54 3.38
N ASN A 150 23.68 21.39 2.38
CA ASN A 150 23.19 22.73 2.63
C ASN A 150 21.70 22.91 2.44
N LYS A 151 21.00 21.81 2.18
CA LYS A 151 19.56 21.82 2.05
C LYS A 151 18.88 22.10 3.39
N SER A 152 17.67 22.63 3.36
CA SER A 152 16.99 22.99 4.61
C SER A 152 16.76 21.75 5.49
N GLU A 153 16.42 22.03 6.74
CA GLU A 153 16.21 20.99 7.76
C GLU A 153 14.96 20.14 7.48
N ARG A 154 14.18 20.52 6.47
CA ARG A 154 13.04 19.70 6.07
C ARG A 154 13.48 18.49 5.25
N LEU A 155 14.76 18.42 4.92
CA LEU A 155 15.27 17.21 4.26
C LEU A 155 15.90 16.28 5.29
N LEU A 156 15.41 15.05 5.33
CA LEU A 156 15.88 14.00 6.22
C LEU A 156 16.67 12.96 5.40
N PHE A 157 17.69 12.35 6.00
CA PHE A 157 18.39 11.25 5.36
C PHE A 157 17.99 9.92 6.00
N GLU A 158 17.65 8.93 5.18
CA GLU A 158 17.41 7.56 5.66
C GLU A 158 18.54 6.65 5.18
N ILE A 159 19.29 6.10 6.12
CA ILE A 159 20.52 5.36 5.79
C ILE A 159 20.36 4.21 4.76
N VAL A 160 19.40 3.32 4.98
CA VAL A 160 19.19 2.19 4.07
C VAL A 160 17.80 1.54 4.22
N ASN A 161 17.16 1.25 3.10
CA ASN A 161 15.86 0.57 3.07
C ASN A 161 15.98 -0.93 3.30
N GLU A 162 15.11 -1.48 4.15
CA GLU A 162 15.05 -2.93 4.43
C GLU A 162 16.38 -3.68 4.37
N PRO A 163 17.35 -3.27 5.20
CA PRO A 163 18.70 -3.85 5.16
C PRO A 163 18.67 -5.35 5.44
N THR A 164 19.43 -6.11 4.67
CA THR A 164 19.45 -7.56 4.84
C THR A 164 20.83 -8.17 4.58
N GLY A 165 21.01 -9.44 4.93
CA GLY A 165 22.24 -10.16 4.59
C GLY A 165 23.40 -9.87 5.50
N MET A 166 23.11 -9.36 6.69
CA MET A 166 24.13 -9.04 7.69
C MET A 166 23.57 -9.36 9.08
N SER A 167 24.44 -9.44 10.07
CA SER A 167 24.00 -9.70 11.44
C SER A 167 23.43 -8.42 12.07
N ALA A 168 22.80 -8.57 13.24
CA ALA A 168 22.27 -7.42 13.96
C ALA A 168 23.42 -6.51 14.39
N TYR A 169 24.55 -7.12 14.71
CA TYR A 169 25.75 -6.37 15.09
C TYR A 169 26.25 -5.53 13.93
N GLN A 170 26.28 -6.13 12.74
CA GLN A 170 26.72 -5.42 11.55
C GLN A 170 25.79 -4.28 11.18
N MET A 171 24.49 -4.52 11.38
CA MET A 171 23.50 -3.47 11.17
C MET A 171 23.76 -2.28 12.08
N ASN A 172 24.01 -2.56 13.34
CA ASN A 172 24.28 -1.48 14.28
C ASN A 172 25.59 -0.77 13.96
N LEU A 173 26.60 -1.52 13.50
CA LEU A 173 27.84 -0.92 13.04
C LEU A 173 27.59 -0.04 11.82
N LEU A 174 26.77 -0.52 10.90
CA LEU A 174 26.53 0.18 9.66
C LEU A 174 25.86 1.51 9.98
N ASN A 175 24.85 1.47 10.85
CA ASN A 175 24.15 2.70 11.25
C ASN A 175 25.11 3.73 11.85
N ARG A 176 25.97 3.27 12.75
CA ARG A 176 26.90 4.14 13.44
C ARG A 176 27.92 4.77 12.49
N GLU A 177 28.44 3.96 11.57
CA GLU A 177 29.50 4.41 10.67
C GLU A 177 28.98 5.37 9.62
N MET A 178 27.80 5.08 9.08
CA MET A 178 27.19 5.98 8.10
C MET A 178 26.76 7.28 8.76
N LEU A 179 26.20 7.19 9.96
CA LEU A 179 25.83 8.40 10.69
C LEU A 179 27.07 9.27 10.98
N ASN A 180 28.18 8.65 11.38
CA ASN A 180 29.42 9.39 11.66
C ASN A 180 29.94 10.09 10.41
N ILE A 181 29.86 9.41 9.27
CA ILE A 181 30.23 10.03 8.01
C ILE A 181 29.35 11.25 7.71
N ILE A 182 28.04 11.12 7.89
CA ILE A 182 27.13 12.25 7.68
C ILE A 182 27.45 13.41 8.63
N ARG A 183 27.57 13.12 9.91
CA ARG A 183 27.90 14.15 10.89
C ARG A 183 29.22 14.83 10.56
N SER A 184 30.21 14.04 10.13
CA SER A 184 31.53 14.59 9.88
C SER A 184 31.58 15.61 8.73
N THR A 185 30.62 15.56 7.81
CA THR A 185 30.62 16.56 6.74
C THR A 185 30.29 17.95 7.29
N GLY A 186 29.72 18.01 8.48
CA GLY A 186 29.49 19.27 9.18
C GLY A 186 28.39 20.16 8.61
N GLY A 187 28.44 21.45 8.97
CA GLY A 187 27.37 22.37 8.57
C GLY A 187 26.00 21.89 9.03
N LYS A 188 24.99 21.99 8.17
CA LYS A 188 23.65 21.55 8.54
C LYS A 188 23.54 20.03 8.71
N ASN A 189 24.47 19.27 8.15
CA ASN A 189 24.49 17.82 8.35
C ASN A 189 24.85 17.48 9.79
N GLY A 190 25.35 18.47 10.53
CA GLY A 190 25.64 18.28 11.94
C GLY A 190 24.37 18.07 12.74
N GLN A 191 23.27 18.66 12.28
CA GLN A 191 22.01 18.56 13.01
C GLN A 191 20.88 17.93 12.20
N ARG A 192 21.15 17.54 10.97
CA ARG A 192 20.10 16.99 10.12
C ARG A 192 19.51 15.71 10.74
N LEU A 193 18.20 15.57 10.65
CA LEU A 193 17.56 14.34 11.13
C LEU A 193 18.00 13.16 10.26
N VAL A 194 18.47 12.09 10.90
CA VAL A 194 18.92 10.90 10.20
C VAL A 194 18.08 9.70 10.66
N ILE A 195 17.53 8.96 9.70
CA ILE A 195 16.59 7.89 10.01
C ILE A 195 17.26 6.52 9.97
N VAL A 196 17.17 5.79 11.08
CA VAL A 196 17.79 4.47 11.22
C VAL A 196 16.78 3.44 11.71
N GLY A 197 17.04 2.16 11.40
CA GLY A 197 16.20 1.10 11.92
C GLY A 197 16.98 -0.17 12.10
N GLY A 198 16.28 -1.27 12.35
CA GLY A 198 16.91 -2.57 12.47
C GLY A 198 16.87 -3.32 11.15
N LEU A 199 17.30 -4.58 11.18
CA LEU A 199 17.25 -5.44 10.00
C LEU A 199 15.88 -5.44 9.34
N GLU A 200 15.86 -5.28 8.02
CA GLU A 200 14.66 -5.35 7.20
C GLU A 200 13.60 -4.31 7.54
N ASP A 201 14.01 -3.22 8.20
CA ASP A 201 13.10 -2.19 8.71
C ASP A 201 11.96 -2.86 9.48
N ASN A 202 12.28 -3.94 10.18
CA ASN A 202 11.26 -4.72 10.84
C ASN A 202 11.05 -4.25 12.28
N LYS A 203 9.79 -4.20 12.69
CA LYS A 203 9.41 -3.70 14.00
C LYS A 203 9.99 -4.54 15.15
N ASP A 204 10.06 -5.85 14.97
CA ASP A 204 10.55 -6.70 16.04
C ASP A 204 12.08 -6.60 16.15
N GLU A 205 12.75 -6.40 15.02
CA GLU A 205 14.18 -6.17 15.06
C GLU A 205 14.48 -4.86 15.78
N LEU A 206 13.68 -3.83 15.51
CA LEU A 206 13.85 -2.55 16.17
C LEU A 206 13.72 -2.69 17.70
N LEU A 207 12.85 -3.59 18.12
CA LEU A 207 12.55 -3.77 19.53
C LEU A 207 13.54 -4.68 20.26
N HIS A 208 14.22 -5.56 19.52
CA HIS A 208 14.98 -6.63 20.18
C HIS A 208 16.45 -6.77 19.80
N SER A 209 16.85 -6.24 18.64
CA SER A 209 18.23 -6.42 18.18
C SER A 209 18.91 -5.09 17.90
N PHE A 210 18.09 -4.09 17.66
CA PHE A 210 18.54 -2.75 17.36
C PHE A 210 19.07 -2.06 18.60
N GLU A 211 20.10 -1.23 18.45
CA GLU A 211 20.47 -0.28 19.49
C GLU A 211 20.67 1.10 18.87
N PRO A 212 20.06 2.13 19.47
CA PRO A 212 20.12 3.49 18.92
C PRO A 212 21.56 4.02 18.89
N PRO A 213 21.97 4.61 17.77
CA PRO A 213 23.27 5.30 17.81
C PRO A 213 23.26 6.40 18.87
N ASP A 214 24.43 6.73 19.39
CA ASP A 214 24.56 7.79 20.38
C ASP A 214 24.54 9.16 19.71
N ASP A 215 23.33 9.66 19.47
CA ASP A 215 23.14 10.85 18.65
C ASP A 215 21.76 11.39 19.00
N ASP A 216 21.64 12.68 19.25
CA ASP A 216 20.35 13.20 19.69
C ASP A 216 19.54 13.84 18.55
N ARG A 217 19.94 13.59 17.30
CA ARG A 217 19.13 13.99 16.16
C ARG A 217 18.86 12.80 15.22
N ILE A 218 18.34 11.71 15.78
CA ILE A 218 17.97 10.56 14.96
C ILE A 218 16.48 10.30 15.05
N VAL A 219 15.96 9.63 14.03
CA VAL A 219 14.56 9.19 13.96
C VAL A 219 14.58 7.68 13.73
N LEU A 220 13.69 6.95 14.40
CA LEU A 220 13.65 5.50 14.23
C LEU A 220 12.60 5.15 13.18
N THR A 221 12.76 4.02 12.50
CA THR A 221 11.80 3.63 11.48
C THR A 221 11.54 2.14 11.46
N TYR A 222 10.34 1.79 11.00
CA TYR A 222 10.00 0.42 10.61
C TYR A 222 8.97 0.52 9.50
N HIS A 223 8.69 -0.61 8.85
CA HIS A 223 7.61 -0.69 7.88
C HIS A 223 6.53 -1.60 8.43
N TYR A 224 5.29 -1.39 8.01
CA TYR A 224 4.20 -2.20 8.53
C TYR A 224 3.28 -2.64 7.42
N TYR A 225 3.19 -3.95 7.21
CA TYR A 225 2.34 -4.52 6.17
C TYR A 225 1.56 -5.75 6.68
N SER A 226 1.09 -5.69 7.93
CA SER A 226 0.38 -6.84 8.50
CA SER A 226 0.39 -6.83 8.54
C SER A 226 -1.13 -6.64 8.52
N PRO A 227 -1.89 -7.72 8.26
CA PRO A 227 -1.45 -9.07 7.90
C PRO A 227 -1.06 -9.13 6.43
N TRP A 228 0.10 -9.72 6.14
CA TRP A 228 0.62 -9.73 4.77
C TRP A 228 -0.39 -10.30 3.76
N ASP A 229 -1.10 -11.36 4.15
CA ASP A 229 -1.98 -12.00 3.20
C ASP A 229 -3.29 -11.22 2.99
N TYR A 230 -3.64 -10.33 3.93
CA TYR A 230 -4.75 -9.43 3.66
C TYR A 230 -4.29 -8.29 2.74
N VAL A 231 -3.17 -7.64 3.06
CA VAL A 231 -2.79 -6.46 2.28
C VAL A 231 -2.45 -6.84 0.85
N SER A 232 -1.97 -8.07 0.66
CA SER A 232 -1.59 -8.55 -0.67
C SER A 232 -2.65 -9.43 -1.36
N ASN A 233 -3.77 -9.65 -0.68
CA ASN A 233 -4.81 -10.60 -1.09
C ASN A 233 -4.17 -11.95 -1.48
N TRP A 234 -3.53 -12.57 -0.48
CA TRP A 234 -3.00 -13.92 -0.65
C TRP A 234 -3.97 -14.93 -0.02
N TRP A 235 -4.04 -16.13 -0.60
CA TRP A 235 -4.75 -17.26 -0.02
C TRP A 235 -6.21 -16.99 0.33
N GLY A 236 -6.87 -16.12 -0.43
CA GLY A 236 -8.27 -15.84 -0.23
C GLY A 236 -8.61 -14.96 0.95
N ARG A 237 -7.60 -14.26 1.50
CA ARG A 237 -7.86 -13.37 2.64
C ARG A 237 -8.35 -12.01 2.15
N THR A 238 -9.63 -11.96 1.80
CA THR A 238 -10.19 -10.84 1.07
C THR A 238 -10.83 -9.77 1.94
N THR A 239 -10.94 -10.01 3.25
CA THR A 239 -11.49 -8.98 4.14
C THR A 239 -10.65 -8.80 5.39
N TRP A 240 -10.86 -7.67 6.06
CA TRP A 240 -10.15 -7.38 7.32
C TRP A 240 -11.05 -6.57 8.24
N GLY A 241 -10.94 -6.79 9.54
CA GLY A 241 -11.65 -5.98 10.52
C GLY A 241 -12.32 -6.65 11.70
N SER A 242 -11.96 -7.90 12.01
CA SER A 242 -12.50 -8.52 13.22
C SER A 242 -11.99 -7.79 14.46
N ALA A 243 -12.65 -8.00 15.58
CA ALA A 243 -12.23 -7.38 16.83
C ALA A 243 -10.80 -7.81 17.17
N ALA A 244 -10.49 -9.08 16.94
CA ALA A 244 -9.13 -9.57 17.17
C ALA A 244 -8.13 -8.91 16.25
N GLU A 245 -8.50 -8.71 14.98
CA GLU A 245 -7.57 -8.10 14.03
C GLU A 245 -7.23 -6.66 14.38
N ILE A 246 -8.23 -5.94 14.85
CA ILE A 246 -8.02 -4.56 15.26
C ILE A 246 -7.18 -4.47 16.54
N SER A 247 -7.45 -5.37 17.47
CA SER A 247 -6.67 -5.46 18.71
C SER A 247 -5.20 -5.80 18.40
N GLU A 248 -4.99 -6.75 17.48
CA GLU A 248 -3.66 -7.21 17.13
C GLU A 248 -2.83 -6.14 16.42
N MET A 249 -3.48 -5.33 15.60
CA MET A 249 -2.81 -4.21 14.97
C MET A 249 -2.26 -3.24 16.03
N GLU A 250 -3.08 -2.91 17.04
CA GLU A 250 -2.62 -1.99 18.08
C GLU A 250 -1.50 -2.61 18.91
N GLU A 251 -1.67 -3.87 19.30
CA GLU A 251 -0.65 -4.55 20.11
C GLU A 251 0.66 -4.72 19.35
N ASP A 252 0.60 -4.73 18.02
CA ASP A 252 1.80 -4.74 17.20
C ASP A 252 2.67 -3.50 17.42
N ILE A 253 2.06 -2.32 17.44
CA ILE A 253 2.84 -1.09 17.39
C ILE A 253 2.99 -0.39 18.76
N LYS A 254 2.09 -0.67 19.70
CA LYS A 254 2.22 -0.12 21.06
C LYS A 254 3.60 -0.30 21.74
N PRO A 255 4.25 -1.48 21.60
CA PRO A 255 5.57 -1.62 22.23
C PRO A 255 6.62 -0.65 21.68
N VAL A 256 6.44 -0.16 20.46
CA VAL A 256 7.39 0.78 19.86
C VAL A 256 7.20 2.14 20.52
N TYR A 257 5.95 2.48 20.80
CA TYR A 257 5.67 3.67 21.58
C TYR A 257 6.28 3.53 22.97
N GLU A 258 6.09 2.38 23.61
CA GLU A 258 6.54 2.25 24.99
C GLU A 258 8.06 2.24 25.15
N LYS A 259 8.77 1.61 24.23
CA LYS A 259 10.23 1.51 24.35
C LYS A 259 10.93 2.78 23.88
N PHE A 260 10.38 3.40 22.84
CA PHE A 260 11.11 4.46 22.14
C PHE A 260 10.42 5.81 22.17
N VAL A 261 9.17 5.89 21.71
CA VAL A 261 8.53 7.19 21.55
C VAL A 261 8.41 7.93 22.87
N ARG A 262 7.97 7.24 23.92
CA ARG A 262 7.78 7.96 25.17
C ARG A 262 9.12 8.17 25.89
N GLU A 263 10.20 7.66 25.29
CA GLU A 263 11.55 7.98 25.76
C GLU A 263 12.19 9.10 24.91
N GLY A 264 11.41 9.68 24.01
CA GLY A 264 11.87 10.83 23.25
C GLY A 264 12.37 10.59 21.82
N TYR A 265 12.29 9.35 21.35
CA TYR A 265 12.68 9.04 19.98
C TYR A 265 11.52 9.26 19.00
N PRO A 266 11.67 10.21 18.06
CA PRO A 266 10.65 10.29 17.01
C PRO A 266 10.65 9.00 16.17
N VAL A 267 9.51 8.66 15.59
CA VAL A 267 9.41 7.44 14.79
C VAL A 267 8.66 7.70 13.48
N ILE A 268 9.25 7.18 12.40
CA ILE A 268 8.62 7.21 11.09
C ILE A 268 8.27 5.80 10.62
N ILE A 269 7.00 5.58 10.31
CA ILE A 269 6.60 4.36 9.63
C ILE A 269 6.82 4.61 8.15
N GLY A 270 7.97 4.17 7.63
CA GLY A 270 8.38 4.57 6.29
C GLY A 270 7.50 4.05 5.17
N GLU A 271 6.84 2.90 5.42
CA GLU A 271 5.89 2.33 4.47
C GLU A 271 4.76 1.61 5.18
N TYR A 272 3.54 1.82 4.70
CA TYR A 272 2.36 1.04 5.07
C TYR A 272 1.37 1.13 3.91
N GLY A 273 0.38 0.24 3.92
CA GLY A 273 -0.71 0.36 2.97
C GLY A 273 -1.08 -0.97 2.36
N THR A 274 -2.18 -0.99 1.61
CA THR A 274 -2.57 -2.24 0.95
C THR A 274 -1.81 -2.37 -0.35
N LEU A 275 -1.70 -3.60 -0.82
CA LEU A 275 -0.87 -3.96 -1.95
C LEU A 275 -1.68 -4.85 -2.89
N GLY A 276 -2.89 -4.40 -3.21
CA GLY A 276 -3.74 -5.16 -4.12
C GLY A 276 -5.10 -5.53 -3.57
N ALA A 277 -5.24 -5.57 -2.24
CA ALA A 277 -6.54 -5.78 -1.61
C ALA A 277 -7.55 -4.84 -2.24
N ASN A 278 -8.71 -5.35 -2.67
CA ASN A 278 -9.65 -4.50 -3.40
C ASN A 278 -11.03 -4.28 -2.75
N GLU A 279 -11.37 -5.03 -1.71
CA GLU A 279 -12.66 -4.83 -1.08
C GLU A 279 -12.66 -3.48 -0.37
N LYS A 280 -13.59 -2.61 -0.77
CA LYS A 280 -13.68 -1.23 -0.28
C LYS A 280 -13.77 -1.06 1.21
N HIS A 281 -14.77 -1.70 1.80
CA HIS A 281 -15.02 -1.52 3.23
C HIS A 281 -13.79 -1.90 4.05
N SER A 282 -13.23 -3.06 3.77
CA SER A 282 -12.05 -3.50 4.51
C SER A 282 -10.90 -2.53 4.29
N LYS A 283 -10.69 -2.13 3.04
CA LYS A 283 -9.58 -1.22 2.74
C LYS A 283 -9.70 0.11 3.48
N TRP A 284 -10.92 0.66 3.51
CA TRP A 284 -11.14 1.94 4.19
C TRP A 284 -10.94 1.79 5.69
N LEU A 285 -11.54 0.75 6.26
CA LEU A 285 -11.37 0.44 7.69
C LEU A 285 -9.90 0.21 8.09
N TYR A 286 -9.18 -0.52 7.25
CA TYR A 286 -7.76 -0.79 7.52
C TYR A 286 -6.96 0.51 7.56
N HIS A 287 -7.14 1.36 6.56
CA HIS A 287 -6.36 2.59 6.51
C HIS A 287 -6.73 3.54 7.66
N ASP A 288 -8.01 3.73 7.93
CA ASP A 288 -8.42 4.59 9.02
C ASP A 288 -7.90 4.09 10.36
N THR A 289 -8.00 2.78 10.57
CA THR A 289 -7.60 2.19 11.84
C THR A 289 -6.10 2.32 12.03
N PHE A 290 -5.32 1.94 11.01
CA PHE A 290 -3.88 2.02 11.15
C PHE A 290 -3.37 3.45 11.28
N VAL A 291 -3.87 4.36 10.46
CA VAL A 291 -3.34 5.72 10.52
C VAL A 291 -3.73 6.39 11.85
N ARG A 292 -4.93 6.11 12.34
CA ARG A 292 -5.33 6.67 13.64
C ARG A 292 -4.46 6.10 14.76
N LEU A 293 -4.08 4.83 14.68
CA LEU A 293 -3.22 4.24 15.69
C LEU A 293 -1.81 4.85 15.64
N ALA A 294 -1.27 5.02 14.43
CA ALA A 294 0.02 5.70 14.28
C ALA A 294 -0.05 7.11 14.88
N HIS A 295 -1.11 7.85 14.57
CA HIS A 295 -1.25 9.19 15.12
C HIS A 295 -1.32 9.15 16.65
N LYS A 296 -2.14 8.25 17.19
CA LYS A 296 -2.28 8.08 18.64
C LYS A 296 -0.93 7.87 19.32
N TYR A 297 -0.07 7.09 18.68
CA TYR A 297 1.21 6.76 19.31
C TYR A 297 2.35 7.63 18.77
N GLN A 298 1.99 8.75 18.15
CA GLN A 298 2.95 9.74 17.69
C GLN A 298 4.00 9.19 16.70
N MET A 299 3.54 8.40 15.73
CA MET A 299 4.39 7.84 14.68
C MET A 299 3.95 8.37 13.32
N VAL A 300 4.90 8.89 12.54
CA VAL A 300 4.58 9.46 11.24
C VAL A 300 4.31 8.34 10.24
N PRO A 301 3.08 8.28 9.70
CA PRO A 301 2.77 7.23 8.71
C PRO A 301 3.03 7.70 7.29
N MET A 302 3.89 6.97 6.58
CA MET A 302 4.15 7.30 5.17
C MET A 302 3.60 6.20 4.25
N TRP A 303 2.67 6.58 3.37
CA TRP A 303 1.88 5.64 2.58
C TRP A 303 2.66 5.09 1.38
N TRP A 304 2.70 3.77 1.22
CA TRP A 304 3.38 3.20 0.05
C TRP A 304 2.49 3.23 -1.16
N ASP A 305 2.96 3.93 -2.19
CA ASP A 305 2.25 4.03 -3.46
C ASP A 305 3.23 3.72 -4.58
N ASN A 306 3.09 2.56 -5.20
CA ASN A 306 4.01 2.20 -6.28
C ASN A 306 3.61 2.76 -7.64
N GLY A 307 2.55 3.57 -7.68
CA GLY A 307 2.11 4.18 -8.92
C GLY A 307 0.93 3.46 -9.54
N ASN A 308 0.68 2.24 -9.09
CA ASN A 308 -0.44 1.45 -9.56
C ASN A 308 -1.60 1.37 -8.59
N ASP A 309 -1.33 1.52 -7.29
CA ASP A 309 -2.31 1.17 -6.28
C ASP A 309 -3.15 2.35 -5.80
N GLN A 310 -2.61 3.57 -5.83
CA GLN A 310 -3.39 4.71 -5.34
C GLN A 310 -3.45 5.84 -6.36
N PHE A 311 -2.49 6.76 -6.31
CA PHE A 311 -2.55 7.93 -7.20
C PHE A 311 -2.15 7.60 -8.65
N ASP A 312 -3.05 7.89 -9.58
CA ASP A 312 -2.78 7.73 -11.01
C ASP A 312 -2.13 9.02 -11.53
N ARG A 313 -0.81 8.99 -11.68
CA ARG A 313 -0.04 10.17 -12.07
C ARG A 313 -0.36 10.70 -13.46
N ALA A 314 -0.70 9.81 -14.38
CA ALA A 314 -1.00 10.23 -15.75
C ALA A 314 -2.36 10.94 -15.82
N GLU A 315 -3.36 10.36 -15.17
CA GLU A 315 -4.69 10.96 -15.11
C GLU A 315 -4.76 12.10 -14.11
N ARG A 316 -3.77 12.14 -13.21
CA ARG A 316 -3.70 13.11 -12.13
C ARG A 316 -4.93 13.02 -11.24
N GLN A 317 -5.33 11.79 -10.91
CA GLN A 317 -6.48 11.53 -10.07
C GLN A 317 -6.20 10.31 -9.19
N TRP A 318 -6.87 10.24 -8.05
CA TRP A 318 -6.73 9.08 -7.16
C TRP A 318 -7.70 7.97 -7.55
N ARG A 319 -7.21 6.74 -7.63
CA ARG A 319 -8.04 5.60 -8.05
C ARG A 319 -9.14 5.29 -7.03
N ASP A 320 -8.86 5.61 -5.78
CA ASP A 320 -9.84 5.48 -4.69
C ASP A 320 -9.76 6.78 -3.89
N PRO A 321 -10.62 7.75 -4.23
CA PRO A 321 -10.48 9.06 -3.59
C PRO A 321 -10.86 9.03 -2.12
N VAL A 322 -11.77 8.13 -1.75
CA VAL A 322 -12.22 8.04 -0.36
C VAL A 322 -11.09 7.57 0.55
N VAL A 323 -10.37 6.52 0.15
CA VAL A 323 -9.30 6.02 1.01
C VAL A 323 -8.21 7.11 1.15
N LYS A 324 -7.96 7.86 0.08
CA LYS A 324 -7.03 8.98 0.15
C LYS A 324 -7.48 10.03 1.17
N GLU A 325 -8.76 10.39 1.11
CA GLU A 325 -9.27 11.40 2.03
C GLU A 325 -9.23 10.89 3.48
N ILE A 326 -9.46 9.60 3.67
CA ILE A 326 -9.35 8.98 4.97
C ILE A 326 -7.93 9.16 5.52
N VAL A 327 -6.91 8.91 4.69
CA VAL A 327 -5.52 9.03 5.14
C VAL A 327 -5.18 10.48 5.52
N ILE A 328 -5.62 11.43 4.69
CA ILE A 328 -5.43 12.85 4.93
C ILE A 328 -6.03 13.32 6.26
N GLN A 329 -7.25 12.89 6.54
CA GLN A 329 -7.93 13.28 7.78
C GLN A 329 -7.34 12.54 8.99
N ALA A 330 -7.23 11.23 8.88
CA ALA A 330 -6.70 10.44 9.98
C ALA A 330 -5.26 10.84 10.32
N GLY A 331 -4.48 11.22 9.31
CA GLY A 331 -3.10 11.60 9.52
C GLY A 331 -2.98 12.94 10.22
N ARG A 332 -4.08 13.69 10.29
CA ARG A 332 -4.15 14.93 11.08
C ARG A 332 -4.88 14.72 12.41
N GLY A 333 -5.13 13.47 12.75
CA GLY A 333 -5.77 13.13 14.02
C GLY A 333 -7.28 13.25 14.01
N VAL A 334 -7.89 13.25 12.83
CA VAL A 334 -9.34 13.39 12.71
C VAL A 334 -9.96 12.04 12.33
N PRO A 335 -10.77 11.48 13.23
CA PRO A 335 -11.42 10.20 12.93
C PRO A 335 -12.44 10.29 11.79
N ASN A 336 -12.53 9.20 11.02
CA ASN A 336 -13.45 9.10 9.90
C ASN A 336 -14.55 8.08 10.16
N ALA A 337 -15.78 8.44 9.83
CA ALA A 337 -16.87 7.49 9.90
C ALA A 337 -16.72 6.45 8.78
N ILE A 338 -17.09 5.20 9.06
CA ILE A 338 -17.00 4.13 8.09
C ILE A 338 -18.37 3.46 7.91
N ILE A 339 -18.88 3.43 6.67
CA ILE A 339 -20.15 2.78 6.38
C ILE A 339 -19.98 1.32 5.95
N LYS A 340 -21.01 0.51 6.22
CA LYS A 340 -21.07 -0.88 5.77
C LYS A 340 -22.51 -1.22 5.37
N PRO A 341 -22.73 -1.60 4.10
CA PRO A 341 -21.72 -1.85 3.07
C PRO A 341 -21.29 -0.59 2.35
N ALA A 342 -20.11 -0.64 1.73
CA ALA A 342 -19.64 0.44 0.88
C ALA A 342 -20.05 0.19 -0.57
N ASP A 343 -20.23 -1.08 -0.92
CA ASP A 343 -20.74 -1.48 -2.22
C ASP A 343 -22.05 -2.21 -2.05
N LEU A 344 -23.13 -1.66 -2.60
CA LEU A 344 -24.42 -2.32 -2.50
C LEU A 344 -24.76 -3.02 -3.83
N PHE A 345 -24.80 -4.36 -3.79
CA PHE A 345 -25.11 -5.16 -4.97
C PHE A 345 -26.60 -5.54 -5.02
N ILE A 346 -27.27 -5.17 -6.11
CA ILE A 346 -28.67 -5.54 -6.30
C ILE A 346 -28.77 -6.38 -7.56
N LYS A 347 -29.37 -7.56 -7.45
CA LYS A 347 -29.45 -8.45 -8.61
C LYS A 347 -30.60 -8.06 -9.51
N LYS A 348 -30.34 -8.08 -10.82
CA LYS A 348 -31.36 -7.80 -11.82
C LYS A 348 -32.58 -8.68 -11.58
N GLY A 349 -33.74 -8.04 -11.44
CA GLY A 349 -34.98 -8.78 -11.29
C GLY A 349 -35.40 -9.02 -9.85
N GLN A 350 -34.47 -8.88 -8.90
CA GLN A 350 -34.79 -9.22 -7.52
C GLN A 350 -35.89 -8.31 -6.96
N SER A 351 -36.60 -8.79 -5.95
CA SER A 351 -37.56 -7.93 -5.26
C SER A 351 -36.79 -6.89 -4.45
N ILE A 352 -37.27 -5.66 -4.41
CA ILE A 352 -36.52 -4.63 -3.70
C ILE A 352 -37.16 -4.28 -2.37
N SER A 353 -36.36 -4.21 -1.32
CA SER A 353 -36.84 -3.87 0.01
C SER A 353 -35.95 -2.79 0.59
N ASP A 354 -36.33 -2.26 1.74
CA ASP A 354 -35.51 -1.24 2.40
C ASP A 354 -34.12 -1.81 2.66
N GLN A 355 -33.13 -0.93 2.56
CA GLN A 355 -31.73 -1.32 2.71
C GLN A 355 -31.10 -0.67 3.93
N THR A 356 -30.48 -1.47 4.78
CA THR A 356 -29.82 -0.93 5.97
C THR A 356 -28.35 -0.67 5.67
N VAL A 357 -27.89 0.50 6.09
CA VAL A 357 -26.48 0.85 6.07
C VAL A 357 -26.05 1.17 7.48
N ASP A 358 -25.09 0.41 8.01
CA ASP A 358 -24.56 0.66 9.35
C ASP A 358 -23.37 1.60 9.28
N ILE A 359 -23.27 2.51 10.26
CA ILE A 359 -22.17 3.47 10.28
C ILE A 359 -21.36 3.37 11.58
N GLN A 360 -20.07 3.07 11.46
CA GLN A 360 -19.13 3.23 12.56
C GLN A 360 -18.73 4.72 12.60
N LEU A 361 -19.43 5.46 13.45
CA LEU A 361 -19.33 6.92 13.47
C LEU A 361 -17.95 7.42 13.90
N ASN A 362 -17.33 6.70 14.83
CA ASN A 362 -16.04 7.10 15.39
C ASN A 362 -16.09 8.54 15.91
N GLY A 363 -17.17 8.90 16.59
CA GLY A 363 -17.34 10.22 17.16
C GLY A 363 -17.98 11.26 16.25
N ASN A 364 -18.20 10.91 14.99
CA ASN A 364 -18.74 11.86 14.02
C ASN A 364 -20.27 11.89 13.98
N VAL A 365 -20.80 12.83 13.22
CA VAL A 365 -22.24 13.05 13.09
C VAL A 365 -22.61 13.14 11.62
N LEU A 366 -23.53 12.28 11.18
CA LEU A 366 -24.03 12.29 9.81
C LEU A 366 -24.79 13.58 9.52
N THR A 367 -24.36 14.33 8.51
CA THR A 367 -25.01 15.59 8.19
C THR A 367 -25.87 15.54 6.92
N GLY A 368 -25.80 14.43 6.18
CA GLY A 368 -26.61 14.30 4.97
C GLY A 368 -26.21 13.17 4.04
N ILE A 369 -27.12 12.83 3.13
CA ILE A 369 -26.85 11.83 2.11
C ILE A 369 -27.19 12.38 0.72
N TYR A 370 -26.21 12.39 -0.17
CA TYR A 370 -26.38 13.04 -1.46
C TYR A 370 -26.17 12.11 -2.64
N GLN A 371 -26.86 12.44 -3.72
CA GLN A 371 -26.53 11.90 -5.03
C GLN A 371 -26.11 13.05 -5.92
N LYS A 372 -24.87 13.00 -6.39
CA LYS A 372 -24.19 14.15 -7.02
C LYS A 372 -24.09 15.26 -5.99
N SER A 373 -24.88 16.31 -6.16
CA SER A 373 -24.98 17.35 -5.14
C SER A 373 -26.44 17.54 -4.76
N GLU A 374 -27.27 16.59 -5.15
CA GLU A 374 -28.67 16.63 -4.78
C GLU A 374 -28.89 15.75 -3.56
N PRO A 375 -29.42 16.34 -2.47
CA PRO A 375 -29.66 15.67 -1.18
C PRO A 375 -30.89 14.78 -1.16
N LEU A 376 -30.78 13.60 -0.54
CA LEU A 376 -31.94 12.74 -0.30
C LEU A 376 -32.79 13.36 0.80
N LYS A 377 -34.09 13.06 0.79
CA LYS A 377 -34.99 13.61 1.79
C LYS A 377 -35.15 12.66 2.98
N GLU A 378 -34.70 13.09 4.15
CA GLU A 378 -34.85 12.30 5.35
C GLU A 378 -36.31 12.17 5.76
N GLY A 379 -36.79 10.93 5.84
CA GLY A 379 -38.18 10.66 6.16
C GLY A 379 -38.85 9.84 5.07
N SER A 380 -38.62 10.23 3.81
CA SER A 380 -39.23 9.55 2.68
C SER A 380 -38.20 8.78 1.87
N ASP A 381 -37.00 9.34 1.75
CA ASP A 381 -35.92 8.65 1.06
C ASP A 381 -35.14 7.76 2.02
N TYR A 382 -34.95 8.22 3.25
CA TYR A 382 -34.24 7.44 4.25
C TYR A 382 -34.60 7.84 5.67
N THR A 383 -34.41 6.91 6.59
CA THR A 383 -34.56 7.22 8.01
C THR A 383 -33.32 6.77 8.79
N VAL A 384 -33.17 7.31 10.00
CA VAL A 384 -32.02 7.03 10.85
C VAL A 384 -32.50 6.66 12.24
N ASP A 385 -31.79 5.78 12.94
CA ASP A 385 -32.16 5.48 14.30
C ASP A 385 -31.71 6.62 15.22
N ASN A 386 -32.14 6.57 16.49
CA ASN A 386 -31.86 7.65 17.43
C ASN A 386 -30.37 7.87 17.63
N ALA A 387 -29.60 6.79 17.60
CA ALA A 387 -28.16 6.86 17.79
C ALA A 387 -27.48 7.55 16.62
N GLY A 388 -28.12 7.53 15.46
CA GLY A 388 -27.57 8.13 14.27
C GLY A 388 -26.48 7.27 13.64
N LYS A 389 -26.54 5.96 13.86
CA LYS A 389 -25.53 5.08 13.30
C LYS A 389 -26.13 3.98 12.43
N THR A 390 -27.42 4.09 12.16
CA THR A 390 -28.12 3.11 11.33
C THR A 390 -29.05 3.85 10.38
N VAL A 391 -28.81 3.69 9.08
CA VAL A 391 -29.60 4.36 8.07
C VAL A 391 -30.43 3.33 7.28
N SER A 392 -31.72 3.62 7.11
CA SER A 392 -32.56 2.79 6.28
C SER A 392 -32.90 3.51 4.98
N ILE A 393 -32.31 3.07 3.88
CA ILE A 393 -32.67 3.62 2.57
C ILE A 393 -33.95 2.94 2.12
N LYS A 394 -35.01 3.71 1.91
CA LYS A 394 -36.32 3.14 1.55
C LYS A 394 -36.32 2.51 0.16
N ALA A 395 -37.10 1.45 0.01
CA ALA A 395 -37.17 0.67 -1.22
C ALA A 395 -37.56 1.52 -2.42
N SER A 396 -38.51 2.41 -2.24
CA SER A 396 -38.93 3.30 -3.31
C SER A 396 -37.80 4.19 -3.79
N CYS A 397 -36.95 4.65 -2.86
CA CYS A 397 -35.79 5.45 -3.25
C CYS A 397 -34.79 4.59 -4.02
N LEU A 398 -34.48 3.40 -3.51
CA LEU A 398 -33.58 2.49 -4.21
C LEU A 398 -34.01 2.20 -5.64
N ALA A 399 -35.32 2.03 -5.83
CA ALA A 399 -35.86 1.73 -7.15
C ALA A 399 -35.57 2.85 -8.14
N LYS A 400 -35.70 4.09 -7.68
CA LYS A 400 -35.43 5.23 -8.54
C LYS A 400 -33.95 5.28 -8.93
N LEU A 401 -33.07 4.98 -7.99
CA LEU A 401 -31.63 5.07 -8.24
C LEU A 401 -31.14 4.02 -9.23
N LEU A 402 -31.82 2.88 -9.29
CA LEU A 402 -31.39 1.77 -10.13
C LEU A 402 -31.65 2.04 -11.62
N GLY A 406 -31.25 -0.80 -17.61
CA GLY A 406 -31.20 -2.22 -17.30
C GLY A 406 -29.81 -2.82 -17.45
N GLN A 407 -28.83 -1.99 -17.79
CA GLN A 407 -27.44 -2.46 -17.94
C GLN A 407 -26.73 -2.60 -16.61
N PRO A 408 -26.01 -3.71 -16.40
CA PRO A 408 -25.28 -3.91 -15.14
C PRO A 408 -24.18 -2.87 -14.89
N GLY A 409 -23.76 -2.73 -13.64
CA GLY A 409 -22.70 -1.80 -13.28
C GLY A 409 -23.14 -0.80 -12.22
N VAL A 410 -22.27 0.15 -11.91
CA VAL A 410 -22.60 1.17 -10.92
C VAL A 410 -23.70 2.06 -11.48
N LYS A 411 -24.86 2.08 -10.82
CA LYS A 411 -26.00 2.85 -11.34
C LYS A 411 -26.11 4.21 -10.65
N ALA A 412 -25.60 4.29 -9.42
CA ALA A 412 -25.66 5.53 -8.67
C ALA A 412 -24.69 5.46 -7.49
N GLN A 413 -24.34 6.62 -6.94
CA GLN A 413 -23.49 6.70 -5.75
C GLN A 413 -24.15 7.57 -4.70
N LEU A 414 -24.19 7.09 -3.47
CA LEU A 414 -24.66 7.93 -2.38
C LEU A 414 -23.47 8.42 -1.56
N THR A 415 -23.37 9.74 -1.42
CA THR A 415 -22.32 10.34 -0.62
C THR A 415 -22.84 10.69 0.78
N PHE A 416 -22.34 9.99 1.79
CA PHE A 416 -22.67 10.30 3.19
C PHE A 416 -21.67 11.33 3.69
N THR A 417 -22.15 12.51 4.07
CA THR A 417 -21.27 13.56 4.57
C THR A 417 -21.33 13.59 6.08
N PHE A 418 -20.23 13.99 6.71
CA PHE A 418 -20.17 14.09 8.16
C PHE A 418 -19.63 15.47 8.54
N HIS A 419 -19.96 15.92 9.75
CA HIS A 419 -19.54 17.25 10.17
C HIS A 419 -18.03 17.37 10.12
N LYS A 420 -17.34 16.31 10.51
CA LYS A 420 -15.88 16.23 10.41
C LYS A 420 -15.44 14.88 9.83
N GLY A 421 -14.22 14.84 9.29
CA GLY A 421 -13.69 13.64 8.68
C GLY A 421 -14.20 13.44 7.26
N ALA A 422 -13.65 12.44 6.59
CA ALA A 422 -13.95 12.18 5.19
C ALA A 422 -15.41 11.78 4.94
N SER A 423 -15.93 12.11 3.76
CA SER A 423 -17.21 11.59 3.35
C SER A 423 -17.07 10.12 2.95
N GLN A 424 -18.16 9.38 3.09
CA GLN A 424 -18.21 7.99 2.64
C GLN A 424 -19.07 7.93 1.37
N VAL A 425 -18.63 7.14 0.40
CA VAL A 425 -19.36 6.98 -0.86
C VAL A 425 -19.80 5.53 -1.08
N MET A 426 -21.11 5.30 -1.20
CA MET A 426 -21.63 3.95 -1.44
C MET A 426 -22.05 3.77 -2.89
N ASP A 427 -21.45 2.79 -3.58
CA ASP A 427 -21.85 2.48 -4.95
C ASP A 427 -23.10 1.61 -4.92
N ILE A 428 -24.09 1.97 -5.73
CA ILE A 428 -25.25 1.13 -5.93
C ILE A 428 -25.06 0.38 -7.24
N ILE A 429 -24.86 -0.92 -7.17
CA ILE A 429 -24.43 -1.71 -8.30
C ILE A 429 -25.48 -2.72 -8.75
N LEU A 430 -25.94 -2.60 -9.99
CA LEU A 430 -26.79 -3.62 -10.58
C LEU A 430 -25.94 -4.75 -11.17
N TYR A 431 -26.26 -5.99 -10.80
CA TYR A 431 -25.51 -7.12 -11.36
C TYR A 431 -26.44 -8.22 -11.81
N ASP A 432 -25.88 -9.15 -12.58
CA ASP A 432 -26.60 -10.33 -13.05
C ASP A 432 -25.60 -11.48 -13.07
N ASP A 433 -26.08 -12.71 -13.27
CA ASP A 433 -25.20 -13.88 -13.32
C ASP A 433 -24.10 -13.63 -14.36
N PRO A 434 -22.84 -13.82 -13.95
CA PRO A 434 -21.72 -13.71 -14.91
C PRO A 434 -21.80 -14.78 -15.98
N LYS A 435 -21.38 -14.46 -17.19
CA LYS A 435 -21.41 -15.44 -18.28
C LYS A 435 -20.03 -15.59 -18.91
N LEU A 436 -19.58 -16.83 -19.05
CA LEU A 436 -18.32 -17.10 -19.72
C LEU A 436 -18.57 -17.71 -21.08
N GLU A 437 -17.87 -17.23 -22.10
CA GLU A 437 -18.03 -17.77 -23.46
C GLU A 437 -17.60 -19.23 -23.47
N LYS A 438 -16.59 -19.53 -22.68
CA LYS A 438 -15.96 -20.85 -22.66
C LYS A 438 -15.55 -21.08 -21.22
N SER A 439 -15.91 -22.24 -20.67
CA SER A 439 -15.62 -22.54 -19.27
CA SER A 439 -15.63 -22.55 -19.27
C SER A 439 -14.72 -23.77 -19.14
N GLU A 440 -14.29 -24.30 -20.26
CA GLU A 440 -13.34 -25.42 -20.26
C GLU A 440 -12.20 -25.14 -21.23
N PHE A 441 -10.97 -25.27 -20.75
CA PHE A 441 -9.80 -24.99 -21.56
C PHE A 441 -8.85 -26.17 -21.52
N THR A 442 -8.21 -26.48 -22.64
CA THR A 442 -7.21 -27.52 -22.67
C THR A 442 -5.86 -26.87 -22.91
N ILE A 443 -4.89 -27.21 -22.07
CA ILE A 443 -3.55 -26.69 -22.18
C ILE A 443 -2.55 -27.81 -22.44
N SER A 444 -1.68 -27.61 -23.43
CA SER A 444 -0.57 -28.49 -23.67
C SER A 444 0.64 -28.02 -22.84
N GLN A 445 1.17 -28.92 -22.02
CA GLN A 445 2.26 -28.57 -21.09
C GLN A 445 3.51 -28.05 -21.79
N SER A 446 3.77 -28.58 -22.98
CA SER A 446 4.95 -28.19 -23.75
CA SER A 446 4.95 -28.19 -23.75
C SER A 446 4.71 -26.91 -24.53
N ALA A 447 3.47 -26.44 -24.54
CA ALA A 447 3.11 -25.27 -25.33
C ALA A 447 2.74 -24.06 -24.47
N ILE A 448 3.03 -24.12 -23.17
CA ILE A 448 2.69 -23.00 -22.29
C ILE A 448 3.56 -21.78 -22.58
N SER A 449 2.91 -20.64 -22.81
CA SER A 449 3.62 -19.40 -23.13
C SER A 449 2.73 -18.21 -22.83
N GLY A 450 2.89 -17.63 -21.66
CA GLY A 450 2.05 -16.52 -21.24
C GLY A 450 0.81 -16.96 -20.50
N ASP A 451 0.03 -15.97 -20.07
CA ASP A 451 -1.12 -16.20 -19.22
C ASP A 451 -2.27 -16.80 -20.01
N LEU A 452 -3.19 -17.46 -19.31
CA LEU A 452 -4.43 -17.95 -19.93
C LEU A 452 -5.52 -16.89 -19.78
N LYS A 453 -6.04 -16.43 -20.91
CA LYS A 453 -7.15 -15.50 -20.94
C LYS A 453 -8.46 -16.28 -20.89
N ILE A 454 -9.36 -15.85 -20.01
CA ILE A 454 -10.69 -16.39 -19.91
C ILE A 454 -11.70 -15.26 -20.15
N PRO A 455 -12.13 -15.09 -21.41
CA PRO A 455 -13.10 -14.03 -21.74
C PRO A 455 -14.38 -14.17 -20.91
N ALA A 456 -14.89 -13.06 -20.41
CA ALA A 456 -16.04 -13.10 -19.54
C ALA A 456 -16.95 -11.88 -19.72
N SER A 457 -18.22 -12.06 -19.42
CA SER A 457 -19.15 -10.95 -19.18
C SER A 457 -19.49 -11.00 -17.71
N LEU A 458 -18.80 -10.21 -16.90
CA LEU A 458 -18.99 -10.31 -15.45
C LEU A 458 -20.29 -9.67 -14.95
N ASN A 459 -20.90 -8.86 -15.82
CA ASN A 459 -22.25 -8.33 -15.58
C ASN A 459 -22.38 -7.64 -14.23
N GLY A 460 -21.39 -6.83 -13.88
CA GLY A 460 -21.46 -6.03 -12.67
C GLY A 460 -20.70 -6.62 -11.50
N THR A 461 -20.36 -7.90 -11.60
CA THR A 461 -19.61 -8.54 -10.53
C THR A 461 -18.12 -8.21 -10.64
N LYS A 462 -17.39 -8.45 -9.57
CA LYS A 462 -15.96 -8.14 -9.51
C LYS A 462 -15.19 -9.32 -8.96
N LEU A 463 -13.98 -9.51 -9.47
CA LEU A 463 -13.14 -10.61 -8.98
C LEU A 463 -12.70 -10.39 -7.54
N ALA A 464 -12.85 -11.42 -6.71
CA ALA A 464 -12.44 -11.36 -5.31
C ALA A 464 -11.18 -12.20 -5.04
N THR A 465 -11.27 -13.48 -5.34
CA THR A 465 -10.12 -14.37 -5.20
C THR A 465 -10.32 -15.62 -6.09
N VAL A 466 -9.32 -16.49 -6.13
CA VAL A 466 -9.41 -17.70 -6.95
C VAL A 466 -8.82 -18.87 -6.17
N LYS A 467 -9.44 -20.05 -6.27
CA LYS A 467 -8.80 -21.28 -5.76
C LYS A 467 -8.68 -22.28 -6.91
N GLY A 468 -7.72 -23.20 -6.76
CA GLY A 468 -7.46 -24.20 -7.78
C GLY A 468 -7.19 -25.54 -7.15
N VAL A 469 -7.85 -26.58 -7.68
CA VAL A 469 -7.87 -27.90 -7.09
C VAL A 469 -7.58 -28.95 -8.15
N VAL A 470 -6.78 -29.97 -7.80
CA VAL A 470 -6.55 -31.07 -8.71
C VAL A 470 -7.74 -32.01 -8.65
N ASP A 471 -8.35 -32.29 -9.80
CA ASP A 471 -9.58 -33.07 -9.83
C ASP A 471 -9.43 -34.48 -9.20
N SER A 472 -8.39 -35.21 -9.60
CA SER A 472 -8.29 -36.61 -9.18
C SER A 472 -8.04 -36.76 -7.68
N THR A 473 -7.43 -35.75 -7.06
CA THR A 473 -7.02 -35.86 -5.66
C THR A 473 -7.73 -34.88 -4.73
N GLY A 474 -8.16 -33.74 -5.26
CA GLY A 474 -8.82 -32.73 -4.46
C GLY A 474 -7.83 -31.84 -3.73
N ARG A 475 -6.54 -32.06 -3.99
CA ARG A 475 -5.50 -31.28 -3.34
C ARG A 475 -5.23 -29.97 -4.12
N PRO A 476 -4.57 -28.99 -3.48
CA PRO A 476 -4.24 -27.72 -4.14
C PRO A 476 -3.41 -27.90 -5.43
N VAL A 477 -3.76 -27.13 -6.46
CA VAL A 477 -2.96 -27.06 -7.68
C VAL A 477 -1.54 -26.59 -7.35
N LEU A 478 -1.43 -25.65 -6.41
CA LEU A 478 -0.11 -25.17 -5.98
C LEU A 478 0.38 -25.84 -4.70
N GLU A 479 0.01 -27.11 -4.53
CA GLU A 479 0.36 -27.87 -3.32
C GLU A 479 1.88 -27.87 -3.04
N GLU A 480 2.69 -27.86 -4.10
CA GLU A 480 4.14 -27.88 -3.94
C GLU A 480 4.67 -26.55 -3.40
N VAL A 481 3.85 -25.51 -3.50
CA VAL A 481 4.22 -24.18 -2.97
C VAL A 481 3.53 -23.91 -1.63
N TRP A 482 2.20 -23.99 -1.64
CA TRP A 482 1.37 -23.83 -0.45
C TRP A 482 0.57 -25.10 -0.17
N SER A 483 1.00 -25.90 0.79
CA SER A 483 0.38 -27.21 1.01
C SER A 483 -1.02 -27.17 1.62
N TRP A 484 -1.34 -26.11 2.36
CA TRP A 484 -2.50 -26.12 3.26
C TRP A 484 -3.77 -25.48 2.69
N THR A 485 -3.67 -24.88 1.51
CA THR A 485 -4.80 -24.16 0.91
C THR A 485 -4.78 -24.24 -0.61
N PRO A 486 -5.98 -24.29 -1.21
CA PRO A 486 -6.09 -24.26 -2.68
C PRO A 486 -6.17 -22.83 -3.18
N TYR A 487 -6.25 -21.87 -2.26
CA TYR A 487 -6.43 -20.48 -2.69
C TYR A 487 -5.12 -19.90 -3.22
N LEU A 488 -5.25 -19.20 -4.34
CA LEU A 488 -4.13 -18.59 -5.05
C LEU A 488 -3.86 -17.16 -4.58
N ASN A 489 -2.81 -16.54 -5.10
CA ASN A 489 -2.40 -15.21 -4.68
C ASN A 489 -2.59 -14.15 -5.77
N TYR A 490 -3.22 -13.04 -5.40
CA TYR A 490 -3.41 -11.94 -6.35
C TYR A 490 -2.13 -11.51 -7.06
N ASP A 491 -2.27 -11.25 -8.36
CA ASP A 491 -1.21 -10.70 -9.23
C ASP A 491 -0.21 -11.78 -9.64
N GLU A 492 0.42 -12.47 -8.69
CA GLU A 492 1.40 -13.48 -9.11
C GLU A 492 0.69 -14.72 -9.69
N ASP A 493 -0.53 -14.99 -9.25
CA ASP A 493 -1.28 -16.15 -9.75
C ASP A 493 -2.48 -15.79 -10.62
N PHE A 494 -3.12 -14.65 -10.37
CA PHE A 494 -4.33 -14.32 -11.12
C PHE A 494 -4.58 -12.82 -11.19
N TYR A 495 -5.40 -12.42 -12.15
CA TYR A 495 -5.86 -11.04 -12.20
C TYR A 495 -7.09 -10.91 -13.07
N GLU A 496 -7.76 -9.77 -12.92
CA GLU A 496 -8.83 -9.33 -13.80
C GLU A 496 -8.32 -8.15 -14.63
N LYS A 497 -8.63 -8.12 -15.92
CA LYS A 497 -8.28 -6.96 -16.74
C LYS A 497 -9.32 -6.74 -17.82
N ASP A 498 -9.85 -5.51 -17.87
CA ASP A 498 -10.85 -5.13 -18.86
C ASP A 498 -12.00 -6.15 -18.96
N GLY A 499 -12.43 -6.63 -17.80
CA GLY A 499 -13.61 -7.47 -17.71
C GLY A 499 -13.37 -8.97 -17.95
N ASP A 500 -12.14 -9.34 -18.30
CA ASP A 500 -11.77 -10.73 -18.49
C ASP A 500 -10.94 -11.27 -17.31
N LEU A 501 -11.00 -12.58 -17.13
CA LEU A 501 -10.27 -13.24 -16.06
C LEU A 501 -9.00 -13.89 -16.60
N TYR A 502 -7.95 -13.91 -15.78
CA TYR A 502 -6.65 -14.43 -16.22
C TYR A 502 -6.02 -15.32 -15.16
N LEU A 503 -5.49 -16.46 -15.58
CA LEU A 503 -4.57 -17.24 -14.77
C LEU A 503 -3.14 -17.03 -15.26
N LYS A 504 -2.26 -16.71 -14.33
CA LYS A 504 -0.88 -16.44 -14.69
C LYS A 504 -0.15 -17.70 -15.17
N GLU A 505 0.78 -17.49 -16.10
CA GLU A 505 1.63 -18.56 -16.60
C GLU A 505 2.19 -19.44 -15.47
N ARG A 506 2.63 -18.78 -14.40
CA ARG A 506 3.11 -19.45 -13.20
C ARG A 506 2.22 -20.62 -12.76
N VAL A 507 0.90 -20.37 -12.72
CA VAL A 507 -0.04 -21.38 -12.28
C VAL A 507 -0.13 -22.52 -13.30
N LEU A 508 -0.16 -22.16 -14.58
CA LEU A 508 -0.27 -23.14 -15.65
C LEU A 508 0.88 -24.14 -15.60
N LYS A 509 2.06 -23.64 -15.26
CA LYS A 509 3.27 -24.48 -15.22
C LYS A 509 3.25 -25.49 -14.07
N TYR A 510 2.41 -25.27 -13.06
CA TYR A 510 2.30 -26.23 -11.96
C TYR A 510 1.29 -27.34 -12.25
N LEU A 511 0.48 -27.18 -13.29
CA LEU A 511 -0.56 -28.15 -13.62
C LEU A 511 0.00 -29.51 -14.06
N LYS A 512 -0.52 -30.59 -13.46
CA LYS A 512 -0.04 -31.94 -13.75
C LYS A 512 -1.13 -32.79 -14.37
N SER A 513 -2.37 -32.49 -14.00
CA SER A 513 -3.52 -33.23 -14.52
C SER A 513 -4.75 -32.32 -14.48
N ASP A 514 -5.88 -32.81 -14.97
CA ASP A 514 -7.08 -31.98 -15.06
C ASP A 514 -7.45 -31.31 -13.71
N SER A 515 -7.69 -30.01 -13.76
CA SER A 515 -7.91 -29.21 -12.55
C SER A 515 -9.11 -28.28 -12.72
N THR A 516 -9.65 -27.85 -11.59
CA THR A 516 -10.81 -26.98 -11.56
C THR A 516 -10.47 -25.70 -10.80
N PHE A 517 -10.69 -24.56 -11.44
CA PHE A 517 -10.46 -23.27 -10.81
C PHE A 517 -11.78 -22.58 -10.51
N THR A 518 -11.91 -22.06 -9.29
CA THR A 518 -13.11 -21.33 -8.91
C THR A 518 -12.80 -19.86 -8.74
N PHE A 519 -13.33 -19.04 -9.64
CA PHE A 519 -13.16 -17.60 -9.57
C PHE A 519 -14.27 -17.02 -8.70
N GLU A 520 -13.94 -16.71 -7.43
CA GLU A 520 -14.93 -16.21 -6.49
C GLU A 520 -15.06 -14.70 -6.68
N LEU A 521 -16.31 -14.25 -6.78
CA LEU A 521 -16.60 -12.87 -7.12
C LEU A 521 -17.25 -12.10 -5.98
N TRP A 522 -17.32 -10.78 -6.15
CA TRP A 522 -18.22 -9.92 -5.38
C TRP A 522 -19.48 -9.72 -6.23
N PRO A 523 -20.69 -9.85 -5.66
CA PRO A 523 -21.00 -10.10 -4.25
C PRO A 523 -20.67 -11.52 -3.80
N LYS A 524 -20.34 -11.63 -2.51
CA LYS A 524 -20.02 -12.91 -1.86
C LYS A 524 -21.00 -14.00 -2.21
N GLY A 525 -20.48 -15.12 -2.70
CA GLY A 525 -21.32 -16.25 -3.03
C GLY A 525 -21.54 -16.43 -4.52
N VAL A 526 -21.24 -15.39 -5.31
CA VAL A 526 -21.26 -15.54 -6.77
C VAL A 526 -19.86 -15.97 -7.23
N GLU A 527 -19.82 -16.92 -8.16
CA GLU A 527 -18.53 -17.41 -8.62
C GLU A 527 -18.63 -17.94 -10.04
N ALA A 528 -17.48 -18.16 -10.65
CA ALA A 528 -17.38 -18.71 -12.00
C ALA A 528 -16.37 -19.86 -11.99
N VAL A 529 -16.84 -21.05 -12.35
CA VAL A 529 -16.03 -22.27 -12.29
C VAL A 529 -15.44 -22.60 -13.67
N VAL A 530 -14.12 -22.75 -13.72
CA VAL A 530 -13.43 -23.02 -14.97
C VAL A 530 -12.61 -24.29 -14.83
N LYS A 531 -12.80 -25.21 -15.77
CA LYS A 531 -12.04 -26.47 -15.77
C LYS A 531 -10.89 -26.36 -16.73
N VAL A 532 -9.72 -26.83 -16.33
CA VAL A 532 -8.56 -26.80 -17.21
C VAL A 532 -8.03 -28.23 -17.40
N LYS A 533 -8.07 -28.69 -18.64
CA LYS A 533 -7.58 -30.02 -19.00
C LYS A 533 -6.11 -29.95 -19.41
N ILE A 534 -5.35 -30.98 -19.05
CA ILE A 534 -3.92 -31.02 -19.33
C ILE A 534 -3.58 -32.12 -20.35
N THR A 535 -2.85 -31.75 -21.39
CA THR A 535 -2.28 -32.72 -22.33
C THR A 535 -0.76 -32.54 -22.36
N PRO A 536 -0.01 -33.51 -22.92
CA PRO A 536 1.44 -33.29 -23.08
C PRO A 536 1.76 -32.07 -23.94
#